data_3IQ0
#
_entry.id   3IQ0
#
_cell.length_a   63.304
_cell.length_b   87.256
_cell.length_c   112.249
_cell.angle_alpha   90.00
_cell.angle_beta   90.00
_cell.angle_gamma   90.00
#
_symmetry.space_group_name_H-M   'P 21 21 21'
#
loop_
_entity.id
_entity.type
_entity.pdbx_description
1 polymer 'putative Ribokinase II'
2 non-polymer 'MAGNESIUM ION'
3 non-polymer "ADENOSINE-5'-TRIPHOSPHATE"
4 water water
#
_entity_poly.entity_id   1
_entity_poly.type   'polypeptide(L)'
_entity_poly.pdbx_seq_one_letter_code
;(MSE)SLSKVFTIGEILVEI(MSE)ASKIGQPFDQPGIWNGPYPSGAPAIFIDQVTRLGVPCGIISCVGNDGFGDINIHR
LAADGVDIRGISVLPLEATGSAFVTYHNSGDRDFIFNIKNAACGKLSAQHVDENILKDCTHFHI(MSE)GSSLFSFH
(MSE)VDAVKKAVTIVKANGGVISFDPNIRKE(MSE)LDIPE(MSE)RDALHFVLELTDIY(MSE)PSEGEVLLLSPHST
PERAIAGFLEEGVKEVIVKRGNQGASYYSANEQFHVESYPVEEVDPTGAGDCFGGAWIACRQLGFDAHRALQYANACGAL
AVTRRGP(MSE)EGTSRL(MSE)EIETFIQRHD(MSE)SIREAAQEGHHHHHH
;
_entity_poly.pdbx_strand_id   A,B
#
# COMPACT_ATOMS: atom_id res chain seq x y z
N SER A 4 7.34 33.09 15.22
CA SER A 4 8.37 32.50 14.31
C SER A 4 8.21 30.97 14.30
N LYS A 5 7.64 30.46 13.23
CA LYS A 5 7.38 29.04 13.08
C LYS A 5 8.10 28.43 11.88
N VAL A 6 8.58 27.20 12.06
CA VAL A 6 9.26 26.44 11.01
C VAL A 6 8.22 25.48 10.41
N PHE A 7 8.09 25.48 9.09
CA PHE A 7 7.12 24.61 8.45
C PHE A 7 7.79 23.75 7.39
N THR A 8 7.25 22.56 7.16
CA THR A 8 7.76 21.72 6.08
C THR A 8 6.51 21.17 5.39
N ILE A 9 6.71 20.38 4.34
CA ILE A 9 5.59 19.85 3.60
C ILE A 9 6.02 18.55 2.95
N GLY A 10 5.07 17.68 2.62
CA GLY A 10 5.47 16.45 1.97
C GLY A 10 4.81 15.17 2.41
N GLU A 11 5.48 14.07 2.09
CA GLU A 11 4.98 12.76 2.39
C GLU A 11 5.08 12.35 3.84
N ILE A 12 4.03 11.71 4.32
CA ILE A 12 3.98 11.18 5.68
C ILE A 12 3.52 9.75 5.45
N LEU A 13 4.21 8.79 6.04
CA LEU A 13 3.85 7.39 5.86
C LEU A 13 4.26 6.58 7.07
N VAL A 14 3.93 5.30 7.02
CA VAL A 14 4.31 4.42 8.11
C VAL A 14 5.30 3.44 7.51
N GLU A 15 6.25 3.01 8.32
CA GLU A 15 7.23 2.04 7.87
C GLU A 15 6.97 0.74 8.61
N ILE A 16 7.13 -0.37 7.89
CA ILE A 16 6.95 -1.72 8.41
C ILE A 16 8.33 -2.35 8.20
N ALA A 18 11.25 -5.45 8.54
CA ALA A 18 11.43 -6.89 8.65
C ALA A 18 12.09 -7.17 10.00
N SER A 19 11.74 -8.32 10.58
CA SER A 19 12.29 -8.72 11.88
C SER A 19 13.68 -9.31 11.81
N LYS A 20 14.08 -9.77 10.63
CA LYS A 20 15.41 -10.37 10.48
C LYS A 20 16.21 -9.85 9.29
N ILE A 21 17.54 -9.88 9.44
CA ILE A 21 18.43 -9.47 8.37
C ILE A 21 18.28 -10.58 7.35
N GLY A 22 18.23 -10.21 6.07
CA GLY A 22 18.08 -11.22 5.03
C GLY A 22 16.64 -11.60 4.72
N GLN A 23 15.71 -11.25 5.63
CA GLN A 23 14.30 -11.57 5.43
C GLN A 23 13.83 -11.05 4.08
N PRO A 24 13.32 -11.94 3.22
CA PRO A 24 12.84 -11.56 1.88
C PRO A 24 11.44 -10.96 1.90
N PHE A 25 11.04 -10.40 0.75
CA PHE A 25 9.71 -9.82 0.62
C PHE A 25 8.74 -10.90 0.15
N ASP A 26 9.24 -11.90 -0.56
CA ASP A 26 8.39 -12.96 -1.11
C ASP A 26 8.23 -14.24 -0.28
N GLN A 27 8.21 -14.09 1.04
CA GLN A 27 8.05 -15.24 1.94
C GLN A 27 7.34 -14.77 3.20
N PRO A 28 6.44 -15.61 3.74
CA PRO A 28 5.76 -15.19 4.97
C PRO A 28 6.81 -15.00 6.05
N GLY A 29 6.62 -14.02 6.92
CA GLY A 29 7.58 -13.78 7.97
C GLY A 29 7.02 -12.89 9.05
N ILE A 30 7.91 -12.33 9.87
CA ILE A 30 7.51 -11.44 10.95
C ILE A 30 7.99 -10.01 10.68
N TRP A 31 7.09 -9.05 10.89
CA TRP A 31 7.41 -7.64 10.66
C TRP A 31 7.06 -6.81 11.89
N ASN A 32 7.73 -5.67 12.03
CA ASN A 32 7.51 -4.77 13.15
C ASN A 32 7.00 -3.45 12.62
N GLY A 33 6.03 -2.87 13.32
CA GLY A 33 5.49 -1.60 12.89
C GLY A 33 4.01 -1.52 13.19
N PRO A 34 3.31 -0.50 12.67
CA PRO A 34 3.90 0.55 11.85
C PRO A 34 4.67 1.56 12.69
N TYR A 35 5.61 2.28 12.06
CA TYR A 35 6.39 3.31 12.74
C TYR A 35 6.19 4.61 11.95
N PRO A 36 6.03 5.75 12.65
CA PRO A 36 5.84 7.02 11.94
C PRO A 36 7.04 7.26 11.04
N SER A 37 6.82 7.79 9.84
CA SER A 37 7.93 7.98 8.93
C SER A 37 7.66 8.98 7.82
N GLY A 38 8.65 9.16 6.95
CA GLY A 38 8.55 10.11 5.86
C GLY A 38 9.54 11.20 6.18
N ALA A 39 10.46 11.51 5.27
CA ALA A 39 11.49 12.53 5.53
C ALA A 39 11.00 13.86 6.12
N PRO A 40 9.94 14.47 5.55
CA PRO A 40 9.49 15.74 6.12
C PRO A 40 9.05 15.58 7.58
N ALA A 41 8.38 14.47 7.88
CA ALA A 41 7.88 14.22 9.22
C ALA A 41 9.01 13.99 10.22
N ILE A 42 10.06 13.29 9.79
CA ILE A 42 11.19 13.02 10.66
C ILE A 42 11.87 14.36 10.96
N PHE A 43 12.07 15.15 9.91
CA PHE A 43 12.69 16.46 10.02
C PHE A 43 11.91 17.31 11.02
N ILE A 44 10.61 17.46 10.79
CA ILE A 44 9.78 18.29 11.66
C ILE A 44 9.68 17.74 13.07
N ASP A 45 9.85 16.43 13.23
CA ASP A 45 9.80 15.86 14.57
C ASP A 45 11.05 16.29 15.33
N GLN A 46 12.19 16.30 14.64
CA GLN A 46 13.45 16.71 15.25
C GLN A 46 13.41 18.20 15.63
N VAL A 47 12.76 19.01 14.79
CA VAL A 47 12.65 20.43 15.09
C VAL A 47 11.89 20.68 16.38
N THR A 48 10.76 20.00 16.54
CA THR A 48 9.93 20.19 17.73
C THR A 48 10.58 19.65 19.00
N ARG A 49 11.28 18.54 18.88
CA ARG A 49 11.93 17.98 20.07
C ARG A 49 13.04 18.90 20.58
N LEU A 50 13.47 19.85 19.76
CA LEU A 50 14.51 20.79 20.16
C LEU A 50 13.86 22.09 20.68
N GLY A 51 12.54 22.07 20.83
CA GLY A 51 11.83 23.22 21.36
C GLY A 51 11.51 24.40 20.44
N VAL A 52 11.45 24.15 19.14
CA VAL A 52 11.15 25.21 18.19
C VAL A 52 9.75 25.02 17.60
N PRO A 53 8.91 26.06 17.64
CA PRO A 53 7.55 25.89 17.09
C PRO A 53 7.59 25.51 15.61
N CYS A 54 6.72 24.59 15.21
CA CYS A 54 6.71 24.14 13.84
C CYS A 54 5.41 23.46 13.42
N GLY A 55 5.27 23.26 12.11
CA GLY A 55 4.09 22.61 11.57
C GLY A 55 4.45 21.87 10.31
N ILE A 56 3.50 21.09 9.78
CA ILE A 56 3.74 20.32 8.57
C ILE A 56 2.47 20.25 7.71
N ILE A 57 2.65 20.24 6.40
CA ILE A 57 1.51 20.14 5.49
C ILE A 57 1.62 18.82 4.72
N SER A 58 0.65 17.94 4.94
CA SER A 58 0.65 16.64 4.27
C SER A 58 -0.75 16.07 4.19
N CYS A 59 -0.85 14.88 3.59
CA CYS A 59 -2.10 14.17 3.44
C CYS A 59 -1.95 12.72 3.90
N VAL A 60 -2.86 12.27 4.76
CA VAL A 60 -2.84 10.88 5.22
C VAL A 60 -4.24 10.36 4.98
N GLY A 61 -4.41 9.06 5.07
CA GLY A 61 -5.72 8.48 4.86
C GLY A 61 -6.49 8.49 6.17
N ASN A 62 -7.77 8.17 6.09
CA ASN A 62 -8.59 8.11 7.29
C ASN A 62 -8.49 6.68 7.83
N ASP A 63 -7.32 6.35 8.38
CA ASP A 63 -7.05 5.02 8.93
C ASP A 63 -6.02 5.08 10.07
N GLY A 64 -5.81 3.94 10.72
CA GLY A 64 -4.88 3.87 11.82
C GLY A 64 -3.45 4.28 11.47
N PHE A 65 -3.05 4.06 10.22
CA PHE A 65 -1.70 4.43 9.81
C PHE A 65 -1.54 5.93 9.76
N GLY A 66 -2.62 6.62 9.41
CA GLY A 66 -2.58 8.08 9.36
C GLY A 66 -2.57 8.55 10.80
N ASP A 67 -3.33 7.88 11.65
CA ASP A 67 -3.42 8.25 13.06
C ASP A 67 -2.12 8.17 13.86
N ILE A 68 -1.38 7.07 13.70
CA ILE A 68 -0.14 6.93 14.43
C ILE A 68 0.80 8.11 14.14
N ASN A 69 0.77 8.60 12.90
CA ASN A 69 1.60 9.72 12.50
C ASN A 69 1.11 11.02 13.11
N ILE A 70 -0.18 11.28 12.98
CA ILE A 70 -0.76 12.49 13.55
C ILE A 70 -0.53 12.52 15.06
N HIS A 71 -0.83 11.40 15.71
CA HIS A 71 -0.66 11.29 17.17
C HIS A 71 0.78 11.55 17.61
N ARG A 72 1.74 10.93 16.93
CA ARG A 72 3.14 11.10 17.28
C ARG A 72 3.57 12.56 17.16
N LEU A 73 3.34 13.15 15.99
CA LEU A 73 3.71 14.54 15.77
C LEU A 73 2.99 15.49 16.73
N ALA A 74 1.69 15.30 16.89
CA ALA A 74 0.92 16.14 17.80
C ALA A 74 1.47 16.06 19.23
N ALA A 75 1.67 14.85 19.74
CA ALA A 75 2.20 14.66 21.09
C ALA A 75 3.59 15.30 21.27
N ASP A 76 4.36 15.38 20.18
CA ASP A 76 5.69 15.97 20.26
C ASP A 76 5.70 17.48 20.13
N GLY A 77 4.52 18.09 19.94
CA GLY A 77 4.42 19.54 19.84
C GLY A 77 4.21 20.12 18.46
N VAL A 78 4.20 19.27 17.45
CA VAL A 78 4.02 19.76 16.09
C VAL A 78 2.58 20.24 15.82
N ASP A 79 2.46 21.34 15.08
CA ASP A 79 1.17 21.88 14.68
C ASP A 79 0.71 20.98 13.53
N ILE A 80 -0.36 20.21 13.75
CA ILE A 80 -0.83 19.30 12.70
C ILE A 80 -2.09 19.72 11.93
N ARG A 81 -2.46 20.99 12.01
CA ARG A 81 -3.63 21.46 11.28
C ARG A 81 -3.43 21.27 9.79
N GLY A 82 -2.18 21.29 9.36
CA GLY A 82 -1.85 21.15 7.95
C GLY A 82 -1.90 19.75 7.38
N ILE A 83 -2.16 18.77 8.22
CA ILE A 83 -2.25 17.39 7.74
C ILE A 83 -3.71 17.11 7.44
N SER A 84 -4.04 17.01 6.15
CA SER A 84 -5.39 16.73 5.72
C SER A 84 -5.62 15.21 5.75
N VAL A 85 -6.85 14.81 6.01
CA VAL A 85 -7.20 13.40 6.06
C VAL A 85 -8.09 13.09 4.85
N LEU A 86 -7.68 12.11 4.06
CA LEU A 86 -8.40 11.73 2.86
C LEU A 86 -9.13 10.39 3.02
N PRO A 87 -10.47 10.44 3.12
CA PRO A 87 -11.38 9.30 3.27
C PRO A 87 -11.25 8.18 2.25
N LEU A 88 -10.98 8.53 1.00
CA LEU A 88 -10.88 7.54 -0.06
C LEU A 88 -9.46 7.07 -0.38
N GLU A 89 -8.49 7.54 0.38
CA GLU A 89 -7.10 7.16 0.15
C GLU A 89 -6.45 6.47 1.35
N ALA A 90 -5.57 5.51 1.08
CA ALA A 90 -4.87 4.80 2.13
C ALA A 90 -3.60 5.56 2.44
N THR A 91 -3.25 5.64 3.72
CA THR A 91 -2.04 6.32 4.16
C THR A 91 -0.86 5.59 3.53
N GLY A 92 0.14 6.35 3.09
CA GLY A 92 1.32 5.76 2.47
C GLY A 92 2.07 4.81 3.39
N SER A 93 2.78 3.86 2.79
CA SER A 93 3.53 2.88 3.57
C SER A 93 4.81 2.48 2.86
N ALA A 94 5.70 1.87 3.63
CA ALA A 94 6.97 1.40 3.09
C ALA A 94 7.43 0.20 3.89
N PHE A 95 7.64 -0.92 3.18
CA PHE A 95 8.15 -2.14 3.79
C PHE A 95 9.64 -2.12 3.52
N VAL A 96 10.44 -2.38 4.55
CA VAL A 96 11.89 -2.39 4.37
C VAL A 96 12.54 -3.63 4.95
N THR A 97 13.52 -4.16 4.24
CA THR A 97 14.25 -5.32 4.68
C THR A 97 15.75 -5.02 4.60
N TYR A 98 16.53 -5.74 5.41
CA TYR A 98 17.97 -5.51 5.46
C TYR A 98 18.84 -6.64 4.92
N HIS A 99 20.12 -6.34 4.78
CA HIS A 99 21.13 -7.29 4.30
C HIS A 99 22.45 -6.82 4.91
N ASN A 100 23.56 -7.43 4.51
CA ASN A 100 24.87 -7.04 5.03
C ASN A 100 25.13 -7.56 6.44
N ARG A 104 17.61 -1.23 3.32
CA ARG A 104 18.37 -1.48 2.10
C ARG A 104 17.48 -1.80 0.92
N ASP A 105 16.39 -2.51 1.15
CA ASP A 105 15.43 -2.84 0.09
C ASP A 105 14.06 -2.38 0.54
N PHE A 106 13.26 -1.87 -0.38
CA PHE A 106 11.95 -1.34 -0.04
C PHE A 106 10.83 -1.68 -1.02
N ILE A 107 9.61 -1.60 -0.52
CA ILE A 107 8.40 -1.78 -1.33
C ILE A 107 7.61 -0.55 -0.91
N PHE A 108 7.51 0.42 -1.81
CA PHE A 108 6.83 1.68 -1.53
C PHE A 108 5.43 1.83 -2.06
N ASN A 109 4.59 2.46 -1.25
CA ASN A 109 3.27 2.84 -1.68
C ASN A 109 3.17 4.30 -1.23
N ILE A 110 3.77 5.17 -2.03
CA ILE A 110 3.78 6.59 -1.75
C ILE A 110 3.08 7.36 -2.87
N LYS A 111 3.58 7.23 -4.09
CA LYS A 111 2.99 7.91 -5.25
C LYS A 111 1.48 7.79 -5.36
N ASN A 112 0.98 6.56 -5.33
CA ASN A 112 -0.45 6.32 -5.46
C ASN A 112 -1.20 6.16 -4.15
N ALA A 113 -0.65 6.76 -3.09
CA ALA A 113 -1.26 6.71 -1.76
C ALA A 113 -1.73 8.11 -1.37
N ALA A 114 -2.35 8.21 -0.19
CA ALA A 114 -2.87 9.49 0.29
C ALA A 114 -1.83 10.61 0.23
N CYS A 115 -0.58 10.32 0.60
CA CYS A 115 0.44 11.37 0.58
C CYS A 115 0.72 11.89 -0.82
N GLY A 116 0.38 11.11 -1.83
CA GLY A 116 0.58 11.55 -3.21
C GLY A 116 -0.56 12.39 -3.73
N LYS A 117 -1.56 12.63 -2.88
CA LYS A 117 -2.72 13.43 -3.29
C LYS A 117 -2.56 14.89 -2.86
N LEU A 118 -1.44 15.18 -2.21
CA LEU A 118 -1.15 16.54 -1.78
C LEU A 118 -1.15 17.46 -3.00
N SER A 119 -1.71 18.66 -2.86
CA SER A 119 -1.73 19.58 -4.00
C SER A 119 -1.91 21.01 -3.50
N ALA A 120 -1.96 21.96 -4.42
CA ALA A 120 -2.11 23.36 -4.08
C ALA A 120 -3.37 23.60 -3.26
N GLN A 121 -4.43 22.87 -3.58
CA GLN A 121 -5.70 23.01 -2.87
C GLN A 121 -5.57 22.62 -1.39
N HIS A 122 -4.63 21.74 -1.09
CA HIS A 122 -4.43 21.31 0.30
C HIS A 122 -3.40 22.15 1.05
N VAL A 123 -3.01 23.26 0.45
CA VAL A 123 -2.06 24.19 1.08
C VAL A 123 -2.86 25.41 1.49
N ASP A 124 -3.08 25.54 2.79
CA ASP A 124 -3.85 26.65 3.33
C ASP A 124 -2.91 27.81 3.62
N GLU A 125 -3.01 28.84 2.80
CA GLU A 125 -2.20 30.03 2.93
C GLU A 125 -2.22 30.61 4.35
N ASN A 126 -3.39 30.56 5.00
CA ASN A 126 -3.52 31.09 6.35
C ASN A 126 -2.66 30.33 7.34
N ILE A 127 -2.43 29.05 7.05
CA ILE A 127 -1.62 28.21 7.91
C ILE A 127 -0.17 28.69 7.93
N LEU A 128 0.25 29.33 6.83
CA LEU A 128 1.63 29.81 6.71
C LEU A 128 1.82 31.30 7.00
N LYS A 129 0.76 31.95 7.46
CA LYS A 129 0.81 33.39 7.75
C LYS A 129 1.97 33.84 8.65
N ASP A 130 2.36 33.04 9.63
CA ASP A 130 3.46 33.44 10.50
C ASP A 130 4.66 32.51 10.37
N CYS A 131 4.84 31.95 9.17
CA CYS A 131 5.94 31.06 8.90
C CYS A 131 7.18 31.87 8.50
N THR A 132 8.27 31.69 9.24
CA THR A 132 9.51 32.42 8.96
C THR A 132 10.54 31.57 8.23
N HIS A 133 10.39 30.26 8.32
CA HIS A 133 11.30 29.32 7.67
C HIS A 133 10.50 28.15 7.12
N PHE A 134 10.70 27.85 5.84
CA PHE A 134 9.99 26.77 5.20
C PHE A 134 11.04 25.83 4.65
N HIS A 135 10.93 24.54 4.97
CA HIS A 135 11.89 23.53 4.54
C HIS A 135 11.29 22.55 3.54
N ILE A 136 12.04 22.30 2.47
CA ILE A 136 11.62 21.38 1.43
C ILE A 136 12.54 20.18 1.33
N GLY A 138 13.64 17.21 -1.16
CA GLY A 138 13.55 16.86 -2.57
C GLY A 138 12.76 15.59 -2.79
N SER A 139 12.80 14.67 -1.82
CA SER A 139 12.09 13.41 -1.92
C SER A 139 10.58 13.56 -2.16
N SER A 140 10.04 14.72 -1.80
CA SER A 140 8.62 15.01 -1.97
C SER A 140 8.18 15.32 -3.41
N LEU A 141 9.12 15.67 -4.28
CA LEU A 141 8.77 16.01 -5.65
C LEU A 141 8.74 14.80 -6.58
N PHE A 142 7.61 14.09 -6.57
CA PHE A 142 7.47 12.92 -7.42
C PHE A 142 6.25 12.94 -8.34
N SER A 143 5.54 14.07 -8.39
CA SER A 143 4.37 14.24 -9.26
C SER A 143 4.05 15.73 -9.43
N PHE A 144 3.26 16.05 -10.45
CA PHE A 144 2.88 17.43 -10.71
C PHE A 144 2.17 18.05 -9.50
N HIS A 145 1.30 17.28 -8.86
CA HIS A 145 0.58 17.81 -7.71
C HIS A 145 1.50 18.11 -6.52
N VAL A 147 4.58 18.97 -6.70
CA VAL A 147 5.29 20.18 -7.13
C VAL A 147 4.43 21.43 -6.97
N ASP A 148 3.18 21.36 -7.42
CA ASP A 148 2.27 22.50 -7.30
C ASP A 148 2.10 22.91 -5.85
N ALA A 149 1.99 21.91 -4.97
CA ALA A 149 1.82 22.16 -3.54
C ALA A 149 3.08 22.86 -3.02
N VAL A 150 4.24 22.30 -3.32
CA VAL A 150 5.50 22.88 -2.87
C VAL A 150 5.69 24.28 -3.43
N LYS A 151 5.39 24.47 -4.72
CA LYS A 151 5.54 25.77 -5.34
C LYS A 151 4.68 26.85 -4.67
N LYS A 152 3.43 26.50 -4.35
CA LYS A 152 2.52 27.42 -3.71
C LYS A 152 2.98 27.83 -2.30
N ALA A 153 3.39 26.84 -1.50
CA ALA A 153 3.83 27.12 -0.14
C ALA A 153 5.12 27.90 -0.12
N VAL A 154 6.04 27.53 -0.99
CA VAL A 154 7.32 28.22 -1.01
C VAL A 154 7.19 29.69 -1.41
N THR A 155 6.37 29.97 -2.41
CA THR A 155 6.22 31.35 -2.84
C THR A 155 5.50 32.21 -1.81
N ILE A 156 4.56 31.61 -1.08
CA ILE A 156 3.85 32.35 -0.03
C ILE A 156 4.85 32.78 1.05
N VAL A 157 5.68 31.83 1.49
CA VAL A 157 6.66 32.14 2.51
C VAL A 157 7.74 33.10 2.03
N LYS A 158 8.27 32.85 0.84
CA LYS A 158 9.29 33.71 0.27
C LYS A 158 8.77 35.14 0.14
N ALA A 159 7.55 35.27 -0.38
CA ALA A 159 6.95 36.60 -0.56
C ALA A 159 6.73 37.30 0.78
N ASN A 160 6.62 36.51 1.85
CA ASN A 160 6.41 37.07 3.18
C ASN A 160 7.74 37.28 3.90
N GLY A 161 8.83 37.32 3.14
CA GLY A 161 10.14 37.54 3.72
C GLY A 161 10.69 36.37 4.51
N GLY A 162 10.18 35.16 4.24
CA GLY A 162 10.65 33.99 4.97
C GLY A 162 11.91 33.38 4.38
N VAL A 163 12.52 32.47 5.14
CA VAL A 163 13.73 31.79 4.71
C VAL A 163 13.43 30.37 4.20
N ILE A 164 13.94 30.05 3.02
CA ILE A 164 13.70 28.74 2.42
C ILE A 164 14.92 27.85 2.54
N SER A 165 14.73 26.65 3.07
CA SER A 165 15.81 25.67 3.19
C SER A 165 15.42 24.48 2.34
N PHE A 166 16.40 23.85 1.72
CA PHE A 166 16.14 22.76 0.80
C PHE A 166 17.17 21.64 0.90
N ASP A 167 16.67 20.43 1.17
CA ASP A 167 17.50 19.24 1.27
C ASP A 167 17.12 18.37 0.07
N PRO A 168 17.97 18.34 -0.97
CA PRO A 168 17.75 17.58 -2.19
C PRO A 168 17.93 16.07 -2.05
N ASN A 169 17.21 15.47 -1.10
CA ASN A 169 17.29 14.03 -0.83
C ASN A 169 16.44 13.28 -1.85
N ILE A 170 16.66 13.57 -3.12
CA ILE A 170 15.90 12.97 -4.20
C ILE A 170 16.42 11.61 -4.65
N ARG A 171 15.58 10.93 -5.43
CA ARG A 171 15.93 9.64 -6.01
C ARG A 171 16.48 10.04 -7.37
N LYS A 172 17.71 9.63 -7.64
CA LYS A 172 18.40 9.96 -8.88
C LYS A 172 17.56 9.82 -10.13
N GLU A 173 16.63 8.86 -10.12
CA GLU A 173 15.74 8.63 -11.25
C GLU A 173 15.00 9.89 -11.66
N LEU A 175 15.73 12.69 -11.79
CA LEU A 175 16.56 13.61 -12.57
C LEU A 175 16.43 13.39 -14.07
N ASP A 176 16.10 12.17 -14.49
CA ASP A 176 15.93 11.89 -15.90
C ASP A 176 14.56 12.34 -16.39
N ILE A 177 13.73 12.79 -15.45
CA ILE A 177 12.41 13.27 -15.79
C ILE A 177 12.43 14.79 -15.79
N PRO A 178 12.47 15.41 -16.99
CA PRO A 178 12.52 16.85 -17.20
C PRO A 178 11.67 17.66 -16.21
N GLU A 179 10.40 17.30 -16.07
CA GLU A 179 9.48 18.01 -15.18
C GLU A 179 9.95 18.02 -13.73
N ARG A 181 13.11 17.46 -12.85
CA ARG A 181 14.41 18.14 -12.89
C ARG A 181 14.12 19.66 -12.82
N ASP A 182 13.09 20.12 -13.52
CA ASP A 182 12.72 21.54 -13.51
C ASP A 182 12.17 21.95 -12.15
N ALA A 183 11.45 21.05 -11.49
CA ALA A 183 10.89 21.34 -10.18
C ALA A 183 12.02 21.54 -9.16
N LEU A 184 13.05 20.72 -9.26
CA LEU A 184 14.19 20.83 -8.35
C LEU A 184 14.90 22.16 -8.58
N HIS A 185 14.99 22.57 -9.84
CA HIS A 185 15.64 23.85 -10.17
C HIS A 185 14.83 25.01 -9.60
N PHE A 186 13.51 24.84 -9.57
CA PHE A 186 12.63 25.88 -9.05
C PHE A 186 12.96 26.17 -7.60
N VAL A 187 12.95 25.12 -6.78
CA VAL A 187 13.22 25.25 -5.37
C VAL A 187 14.58 25.89 -5.12
N LEU A 188 15.61 25.36 -5.78
CA LEU A 188 16.96 25.89 -5.62
C LEU A 188 17.01 27.38 -5.92
N GLU A 189 16.29 27.79 -6.95
CA GLU A 189 16.26 29.19 -7.34
C GLU A 189 15.73 30.11 -6.23
N LEU A 190 14.90 29.57 -5.34
CA LEU A 190 14.35 30.38 -4.25
C LEU A 190 14.94 29.98 -2.90
N THR A 191 15.97 29.15 -2.94
CA THR A 191 16.60 28.67 -1.71
C THR A 191 17.63 29.58 -1.08
N ASP A 192 17.56 29.69 0.25
CA ASP A 192 18.48 30.49 1.02
C ASP A 192 19.52 29.56 1.66
N ILE A 193 19.06 28.41 2.12
CA ILE A 193 19.93 27.43 2.78
C ILE A 193 19.82 26.11 2.01
N TYR A 194 20.91 25.72 1.36
CA TYR A 194 20.97 24.48 0.57
C TYR A 194 21.71 23.43 1.40
N PRO A 196 22.74 19.83 0.66
CA PRO A 196 22.98 18.55 -0.02
C PRO A 196 24.02 17.71 0.68
N SER A 197 23.96 16.41 0.44
CA SER A 197 24.95 15.50 0.98
C SER A 197 26.03 15.60 -0.10
N GLU A 198 27.24 15.16 0.20
CA GLU A 198 28.32 15.20 -0.77
C GLU A 198 27.91 14.55 -2.11
N GLY A 199 27.19 13.44 -2.05
CA GLY A 199 26.78 12.76 -3.27
C GLY A 199 25.72 13.51 -4.09
N GLU A 200 25.11 14.53 -3.48
CA GLU A 200 24.08 15.31 -4.16
C GLU A 200 24.55 16.69 -4.58
N VAL A 201 25.76 17.08 -4.19
CA VAL A 201 26.28 18.41 -4.52
C VAL A 201 26.27 18.78 -6.01
N LEU A 202 26.62 17.84 -6.88
CA LEU A 202 26.69 18.14 -8.31
C LEU A 202 25.37 18.02 -9.08
N LEU A 203 24.41 17.31 -8.51
CA LEU A 203 23.11 17.08 -9.12
C LEU A 203 22.46 18.29 -9.80
N LEU A 204 22.21 19.35 -9.05
CA LEU A 204 21.55 20.53 -9.59
C LEU A 204 22.48 21.67 -9.95
N SER A 205 23.64 21.34 -10.51
CA SER A 205 24.61 22.34 -10.88
C SER A 205 25.18 22.10 -12.27
N PRO A 206 25.40 23.16 -13.05
CA PRO A 206 25.95 23.02 -14.41
C PRO A 206 27.45 22.75 -14.32
N HIS A 207 27.99 22.93 -13.11
CA HIS A 207 29.41 22.72 -12.85
C HIS A 207 29.71 21.27 -12.49
N SER A 208 30.89 20.81 -12.90
CA SER A 208 31.29 19.43 -12.67
C SER A 208 32.10 19.13 -11.41
N THR A 209 32.76 20.12 -10.86
CA THR A 209 33.53 19.90 -9.64
C THR A 209 32.74 20.51 -8.47
N PRO A 210 32.70 19.82 -7.33
CA PRO A 210 31.98 20.30 -6.14
C PRO A 210 32.34 21.72 -5.72
N GLU A 211 33.63 22.04 -5.69
CA GLU A 211 34.07 23.37 -5.33
C GLU A 211 33.39 24.40 -6.23
N ARG A 212 33.39 24.10 -7.52
CA ARG A 212 32.80 24.96 -8.54
C ARG A 212 31.27 25.02 -8.39
N ALA A 213 30.65 23.87 -8.11
CA ALA A 213 29.19 23.82 -7.94
C ALA A 213 28.75 24.67 -6.75
N ILE A 214 29.44 24.49 -5.63
CA ILE A 214 29.12 25.23 -4.41
C ILE A 214 29.30 26.72 -4.63
N ALA A 215 30.41 27.10 -5.25
CA ALA A 215 30.67 28.51 -5.55
C ALA A 215 29.50 29.01 -6.39
N GLY A 216 29.05 28.18 -7.33
CA GLY A 216 27.95 28.55 -8.20
C GLY A 216 26.65 28.81 -7.43
N PHE A 217 26.32 27.94 -6.48
CA PHE A 217 25.10 28.11 -5.69
C PHE A 217 25.10 29.47 -5.01
N LEU A 218 26.22 29.82 -4.39
CA LEU A 218 26.33 31.09 -3.70
C LEU A 218 26.18 32.27 -4.65
N GLU A 219 26.85 32.21 -5.79
CA GLU A 219 26.78 33.29 -6.77
C GLU A 219 25.38 33.42 -7.35
N GLU A 220 24.66 32.30 -7.40
CA GLU A 220 23.31 32.29 -7.94
C GLU A 220 22.25 32.81 -6.96
N GLY A 221 22.59 32.89 -5.68
CA GLY A 221 21.61 33.39 -4.72
C GLY A 221 21.55 32.73 -3.36
N VAL A 222 21.98 31.48 -3.26
CA VAL A 222 21.95 30.79 -1.98
C VAL A 222 22.91 31.46 -1.00
N LYS A 223 22.48 31.59 0.26
CA LYS A 223 23.29 32.24 1.31
C LYS A 223 24.22 31.29 2.05
N GLU A 224 23.76 30.07 2.23
CA GLU A 224 24.53 29.08 2.96
C GLU A 224 24.39 27.70 2.37
N VAL A 225 25.52 27.01 2.26
CA VAL A 225 25.51 25.65 1.75
C VAL A 225 26.09 24.77 2.84
N ILE A 226 25.28 23.81 3.31
CA ILE A 226 25.71 22.87 4.35
C ILE A 226 25.85 21.53 3.64
N VAL A 227 27.05 20.97 3.65
CA VAL A 227 27.28 19.70 2.98
C VAL A 227 27.48 18.55 3.95
N LYS A 228 26.59 17.57 3.90
CA LYS A 228 26.68 16.41 4.77
C LYS A 228 27.61 15.38 4.13
N ARG A 229 28.52 14.83 4.93
CA ARG A 229 29.48 13.87 4.43
C ARG A 229 29.46 12.52 5.17
N GLY A 230 28.28 12.15 5.66
CA GLY A 230 28.13 10.89 6.35
C GLY A 230 29.11 10.66 7.51
N ASN A 231 29.86 9.58 7.44
CA ASN A 231 30.81 9.26 8.49
C ASN A 231 32.06 10.16 8.45
N GLN A 232 32.05 11.16 7.57
CA GLN A 232 33.17 12.08 7.46
C GLN A 232 32.82 13.48 8.02
N GLY A 233 31.64 13.62 8.61
CA GLY A 233 31.26 14.89 9.18
C GLY A 233 30.41 15.80 8.31
N ALA A 234 30.70 17.10 8.36
CA ALA A 234 29.94 18.06 7.58
C ALA A 234 30.70 19.36 7.40
N SER A 235 30.35 20.09 6.34
CA SER A 235 31.00 21.35 6.04
C SER A 235 29.95 22.46 5.91
N TYR A 236 30.41 23.70 6.04
CA TYR A 236 29.55 24.87 5.93
C TYR A 236 30.21 25.85 4.97
N TYR A 237 29.42 26.43 4.07
CA TYR A 237 29.92 27.37 3.09
C TYR A 237 29.02 28.58 2.95
N SER A 238 29.62 29.77 3.03
CA SER A 238 28.89 31.02 2.86
C SER A 238 29.89 31.96 2.21
N ALA A 239 29.44 33.15 1.84
CA ALA A 239 30.34 34.10 1.21
C ALA A 239 31.30 34.57 2.30
N ASN A 240 30.79 34.62 3.52
CA ASN A 240 31.52 35.08 4.69
C ASN A 240 32.54 34.10 5.28
N GLU A 241 32.16 32.83 5.43
CA GLU A 241 33.09 31.86 6.00
C GLU A 241 32.99 30.45 5.41
N GLN A 242 33.89 29.58 5.84
CA GLN A 242 33.93 28.20 5.37
C GLN A 242 34.65 27.32 6.38
N PHE A 243 33.95 26.33 6.92
CA PHE A 243 34.58 25.43 7.87
C PHE A 243 34.06 24.00 7.81
N HIS A 244 34.72 23.13 8.55
CA HIS A 244 34.37 21.71 8.57
C HIS A 244 34.43 21.14 9.98
N VAL A 245 33.63 20.09 10.21
CA VAL A 245 33.61 19.41 11.50
C VAL A 245 33.73 17.92 11.22
N GLU A 246 34.56 17.24 12.00
CA GLU A 246 34.77 15.81 11.83
C GLU A 246 33.57 15.07 12.39
N SER A 247 33.41 13.81 12.00
CA SER A 247 32.30 13.02 12.48
C SER A 247 32.59 12.48 13.88
N TYR A 248 31.51 12.19 14.60
CA TYR A 248 31.60 11.61 15.93
C TYR A 248 31.51 10.12 15.67
N PRO A 249 32.56 9.35 16.02
CA PRO A 249 32.52 7.89 15.78
C PRO A 249 31.46 7.21 16.63
N VAL A 250 30.52 6.54 15.96
CA VAL A 250 29.44 5.83 16.63
C VAL A 250 29.21 4.47 15.98
N GLU A 251 28.31 3.69 16.55
CA GLU A 251 27.98 2.39 16.01
C GLU A 251 26.70 2.48 15.20
N GLU A 252 26.85 2.66 13.90
CA GLU A 252 25.71 2.80 13.00
C GLU A 252 24.84 1.55 12.95
N VAL A 253 23.54 1.76 12.97
CA VAL A 253 22.57 0.68 12.91
C VAL A 253 21.59 0.96 11.78
N ASP A 254 21.21 2.23 11.64
CA ASP A 254 20.27 2.65 10.61
C ASP A 254 20.59 4.09 10.21
N PRO A 255 20.98 4.31 8.95
CA PRO A 255 21.32 5.65 8.46
C PRO A 255 20.16 6.38 7.75
N THR A 256 18.99 5.77 7.71
CA THR A 256 17.86 6.35 7.01
C THR A 256 17.33 7.73 7.46
N GLY A 257 17.54 8.07 8.73
CA GLY A 257 17.06 9.34 9.28
C GLY A 257 18.14 10.32 9.64
N ALA A 258 19.36 9.96 9.35
CA ALA A 258 20.49 10.84 9.66
C ALA A 258 20.37 12.22 9.03
N GLY A 259 20.08 12.24 7.74
CA GLY A 259 19.99 13.49 7.02
C GLY A 259 18.83 14.30 7.51
N ASP A 260 17.71 13.63 7.79
CA ASP A 260 16.52 14.34 8.27
C ASP A 260 16.77 14.99 9.63
N CYS A 261 17.34 14.23 10.56
CA CYS A 261 17.61 14.76 11.89
C CYS A 261 18.68 15.86 11.85
N PHE A 262 19.75 15.64 11.10
CA PHE A 262 20.80 16.66 10.98
C PHE A 262 20.17 17.98 10.52
N GLY A 263 19.27 17.88 9.56
CA GLY A 263 18.62 19.06 9.01
C GLY A 263 17.72 19.77 10.01
N GLY A 264 16.89 19.01 10.71
CA GLY A 264 16.01 19.60 11.70
C GLY A 264 16.81 20.27 12.80
N ALA A 265 17.94 19.66 13.16
CA ALA A 265 18.80 20.21 14.20
C ALA A 265 19.40 21.53 13.73
N TRP A 266 19.93 21.55 12.51
CA TRP A 266 20.53 22.76 11.97
C TRP A 266 19.52 23.91 11.99
N ILE A 267 18.37 23.69 11.40
CA ILE A 267 17.32 24.70 11.32
C ILE A 267 16.81 25.15 12.70
N ALA A 268 16.59 24.19 13.57
CA ALA A 268 16.11 24.50 14.91
C ALA A 268 17.16 25.30 15.68
N CYS A 269 18.40 24.82 15.68
CA CYS A 269 19.45 25.51 16.41
C CYS A 269 19.63 26.95 15.92
N ARG A 270 19.56 27.14 14.61
CA ARG A 270 19.67 28.48 14.05
C ARG A 270 18.49 29.33 14.54
N GLN A 271 17.31 28.72 14.65
CA GLN A 271 16.13 29.44 15.13
C GLN A 271 16.36 29.85 16.59
N LEU A 272 17.15 29.05 17.31
CA LEU A 272 17.44 29.33 18.71
C LEU A 272 18.60 30.32 18.86
N GLY A 273 19.08 30.86 17.76
CA GLY A 273 20.15 31.84 17.82
C GLY A 273 21.58 31.33 17.82
N PHE A 274 21.78 30.06 17.50
CA PHE A 274 23.13 29.50 17.46
C PHE A 274 23.90 30.10 16.28
N ASP A 275 25.20 30.28 16.42
CA ASP A 275 25.99 30.80 15.29
C ASP A 275 26.25 29.58 14.40
N ALA A 276 26.79 29.81 13.20
CA ALA A 276 27.05 28.72 12.26
C ALA A 276 27.87 27.57 12.83
N HIS A 277 28.94 27.89 13.56
CA HIS A 277 29.80 26.87 14.14
C HIS A 277 29.11 25.98 15.15
N ARG A 278 28.34 26.58 16.06
CA ARG A 278 27.65 25.81 17.08
C ARG A 278 26.54 24.99 16.43
N ALA A 279 25.79 25.61 15.54
CA ALA A 279 24.70 24.92 14.85
C ALA A 279 25.22 23.71 14.09
N LEU A 280 26.38 23.86 13.45
CA LEU A 280 26.94 22.74 12.68
C LEU A 280 27.39 21.63 13.64
N GLN A 281 27.93 22.02 14.79
CA GLN A 281 28.37 21.04 15.77
C GLN A 281 27.17 20.21 16.26
N TYR A 282 26.08 20.89 16.63
CA TYR A 282 24.88 20.19 17.12
C TYR A 282 24.25 19.35 16.02
N ALA A 283 24.16 19.91 14.81
CA ALA A 283 23.59 19.16 13.70
C ALA A 283 24.37 17.88 13.50
N ASN A 284 25.69 18.01 13.51
CA ASN A 284 26.61 16.89 13.32
C ASN A 284 26.36 15.83 14.39
N ALA A 285 26.27 16.27 15.64
CA ALA A 285 26.03 15.35 16.74
C ALA A 285 24.65 14.72 16.66
N CYS A 286 23.67 15.50 16.22
CA CYS A 286 22.31 14.98 16.11
C CYS A 286 22.25 13.85 15.08
N GLY A 287 22.89 14.05 13.93
CA GLY A 287 22.89 13.03 12.91
C GLY A 287 23.62 11.77 13.35
N ALA A 288 24.68 11.95 14.12
CA ALA A 288 25.46 10.81 14.61
C ALA A 288 24.59 9.97 15.54
N LEU A 289 23.88 10.65 16.43
CA LEU A 289 23.01 9.97 17.38
C LEU A 289 21.86 9.25 16.67
N ALA A 290 21.32 9.86 15.63
CA ALA A 290 20.21 9.28 14.89
C ALA A 290 20.52 7.88 14.33
N VAL A 291 21.72 7.71 13.77
CA VAL A 291 22.09 6.43 13.18
C VAL A 291 22.38 5.28 14.17
N THR A 292 22.37 5.56 15.47
CA THR A 292 22.64 4.51 16.45
C THR A 292 21.39 3.71 16.81
N ARG A 293 20.25 4.10 16.25
CA ARG A 293 18.99 3.41 16.52
C ARG A 293 18.17 3.05 15.28
N ARG A 294 17.51 1.89 15.31
CA ARG A 294 16.67 1.47 14.19
C ARG A 294 15.37 2.26 14.26
N GLY A 295 14.65 2.31 13.15
CA GLY A 295 13.40 3.04 13.16
C GLY A 295 13.57 4.41 12.58
N PRO A 296 12.68 4.82 11.67
CA PRO A 296 12.71 6.12 11.00
C PRO A 296 12.87 7.30 11.94
N GLU A 298 12.91 7.08 15.34
CA GLU A 298 13.35 6.68 16.67
C GLU A 298 14.73 7.20 17.04
N GLY A 299 15.37 7.91 16.11
CA GLY A 299 16.70 8.44 16.36
C GLY A 299 16.77 9.92 16.66
N THR A 300 15.61 10.59 16.67
CA THR A 300 15.58 12.02 16.96
C THR A 300 16.02 12.18 18.41
N SER A 301 16.64 13.32 18.72
CA SER A 301 17.12 13.57 20.07
C SER A 301 16.68 14.92 20.59
N ARG A 302 16.67 15.08 21.91
CA ARG A 302 16.33 16.38 22.45
C ARG A 302 17.65 17.07 22.76
N LEU A 303 17.60 18.38 22.94
CA LEU A 303 18.78 19.17 23.19
C LEU A 303 19.72 18.57 24.26
N GLU A 305 20.14 15.53 25.25
CA GLU A 305 20.84 14.35 24.76
C GLU A 305 22.00 14.75 23.84
N ILE A 306 21.73 15.69 22.93
CA ILE A 306 22.78 16.15 22.01
C ILE A 306 23.95 16.74 22.77
N GLU A 307 23.66 17.58 23.76
CA GLU A 307 24.71 18.22 24.53
C GLU A 307 25.51 17.23 25.37
N THR A 308 24.85 16.26 25.96
CA THR A 308 25.56 15.25 26.75
C THR A 308 26.48 14.45 25.83
N PHE A 309 25.96 14.12 24.66
CA PHE A 309 26.74 13.35 23.67
C PHE A 309 27.99 14.15 23.28
N ILE A 310 27.81 15.45 23.05
CA ILE A 310 28.95 16.29 22.69
C ILE A 310 29.95 16.33 23.85
N GLN A 311 29.45 16.59 25.06
CA GLN A 311 30.32 16.64 26.23
C GLN A 311 31.15 15.38 26.40
N ARG A 312 30.49 14.23 26.38
CA ARG A 312 31.19 12.95 26.54
C ARG A 312 32.34 12.81 25.55
N HIS A 313 32.18 13.41 24.37
CA HIS A 313 33.23 13.35 23.36
C HIS A 313 34.30 14.41 23.61
N LEU B 3 -7.02 -29.99 -22.13
CA LEU B 3 -6.98 -28.66 -22.80
C LEU B 3 -8.08 -27.71 -22.33
N SER B 4 -9.14 -28.24 -21.73
CA SER B 4 -10.23 -27.42 -21.21
C SER B 4 -9.75 -26.75 -19.92
N LYS B 5 -9.92 -25.43 -19.81
CA LYS B 5 -9.46 -24.71 -18.62
C LYS B 5 -10.48 -23.80 -17.94
N VAL B 6 -10.38 -23.74 -16.62
CA VAL B 6 -11.25 -22.87 -15.84
C VAL B 6 -10.44 -21.60 -15.61
N PHE B 7 -11.03 -20.45 -15.90
CA PHE B 7 -10.33 -19.19 -15.71
C PHE B 7 -11.09 -18.25 -14.80
N THR B 8 -10.36 -17.32 -14.19
CA THR B 8 -10.98 -16.30 -13.37
C THR B 8 -10.22 -15.03 -13.67
N ILE B 9 -10.68 -13.92 -13.10
CA ILE B 9 -10.05 -12.65 -13.35
C ILE B 9 -10.24 -11.77 -12.12
N GLY B 10 -9.34 -10.84 -11.89
CA GLY B 10 -9.53 -9.98 -10.73
C GLY B 10 -8.29 -9.55 -9.98
N GLU B 11 -8.50 -9.24 -8.71
CA GLU B 11 -7.43 -8.76 -7.86
C GLU B 11 -6.60 -9.84 -7.19
N ILE B 12 -5.29 -9.60 -7.17
CA ILE B 12 -4.33 -10.48 -6.52
C ILE B 12 -3.60 -9.52 -5.58
N LEU B 13 -3.56 -9.85 -4.30
CA LEU B 13 -2.88 -9.00 -3.33
C LEU B 13 -2.26 -9.85 -2.24
N VAL B 14 -1.53 -9.20 -1.34
CA VAL B 14 -0.93 -9.91 -0.22
C VAL B 14 -1.61 -9.40 1.05
N GLU B 15 -1.70 -10.27 2.04
CA GLU B 15 -2.33 -9.90 3.30
C GLU B 15 -1.27 -9.92 4.39
N ILE B 16 -1.29 -8.91 5.25
CA ILE B 16 -0.36 -8.81 6.38
C ILE B 16 -1.28 -8.83 7.60
N ALA B 18 -2.33 -9.06 11.75
CA ALA B 18 -1.92 -8.67 13.10
C ALA B 18 -1.61 -9.97 13.83
N SER B 19 -0.52 -9.97 14.61
CA SER B 19 -0.13 -11.16 15.35
C SER B 19 -1.02 -11.43 16.55
N LYS B 20 -1.70 -10.41 17.06
CA LYS B 20 -2.55 -10.58 18.24
C LYS B 20 -3.94 -9.98 18.10
N ILE B 21 -4.90 -10.60 18.78
CA ILE B 21 -6.27 -10.11 18.77
C ILE B 21 -6.28 -8.85 19.61
N GLY B 22 -6.94 -7.81 19.11
CA GLY B 22 -7.00 -6.56 19.84
C GLY B 22 -5.86 -5.63 19.47
N GLN B 23 -5.05 -6.04 18.50
CA GLN B 23 -3.92 -5.23 18.05
C GLN B 23 -4.41 -4.11 17.14
N PRO B 24 -4.14 -2.85 17.51
CA PRO B 24 -4.56 -1.70 16.71
C PRO B 24 -3.61 -1.40 15.55
N PHE B 25 -4.10 -0.62 14.60
CA PHE B 25 -3.32 -0.22 13.44
C PHE B 25 -2.47 1.01 13.77
N ASP B 26 -2.84 1.73 14.83
CA ASP B 26 -2.15 2.96 15.18
C ASP B 26 -1.09 2.87 16.28
N GLN B 27 -0.49 1.70 16.44
CA GLN B 27 0.55 1.48 17.42
C GLN B 27 1.50 0.42 16.91
N PRO B 28 2.79 0.54 17.21
CA PRO B 28 3.73 -0.48 16.72
C PRO B 28 3.45 -1.84 17.33
N GLY B 29 3.70 -2.89 16.56
CA GLY B 29 3.47 -4.23 17.04
C GLY B 29 4.06 -5.23 16.09
N ILE B 30 3.63 -6.48 16.19
CA ILE B 30 4.15 -7.52 15.31
C ILE B 30 3.08 -7.96 14.32
N TRP B 31 3.50 -8.13 13.07
CA TRP B 31 2.58 -8.55 12.01
C TRP B 31 3.14 -9.78 11.31
N ASN B 32 2.26 -10.59 10.74
CA ASN B 32 2.68 -11.80 10.04
C ASN B 32 2.29 -11.73 8.57
N GLY B 33 3.24 -12.05 7.70
CA GLY B 33 2.99 -12.00 6.28
C GLY B 33 4.27 -11.80 5.50
N PRO B 34 4.19 -11.52 4.19
CA PRO B 34 2.94 -11.40 3.43
C PRO B 34 2.35 -12.78 3.15
N TYR B 35 1.06 -12.82 2.88
CA TYR B 35 0.36 -14.05 2.57
C TYR B 35 -0.40 -13.84 1.26
N PRO B 36 -0.37 -14.81 0.35
CA PRO B 36 -1.08 -14.70 -0.92
C PRO B 36 -2.56 -14.51 -0.66
N SER B 37 -3.20 -13.58 -1.36
CA SER B 37 -4.63 -13.37 -1.12
C SER B 37 -5.35 -12.80 -2.35
N GLY B 38 -6.61 -12.47 -2.18
CA GLY B 38 -7.39 -11.95 -3.30
C GLY B 38 -8.42 -12.99 -3.69
N ALA B 39 -9.70 -12.65 -3.55
CA ALA B 39 -10.79 -13.56 -3.86
C ALA B 39 -10.56 -14.42 -5.10
N PRO B 40 -10.28 -13.79 -6.26
CA PRO B 40 -10.06 -14.60 -7.47
C PRO B 40 -8.90 -15.58 -7.32
N ALA B 41 -7.83 -15.13 -6.67
CA ALA B 41 -6.64 -15.97 -6.47
C ALA B 41 -6.93 -17.16 -5.57
N ILE B 42 -7.68 -16.94 -4.49
CA ILE B 42 -8.01 -18.02 -3.58
C ILE B 42 -8.96 -19.00 -4.29
N PHE B 43 -9.91 -18.46 -5.05
CA PHE B 43 -10.84 -19.30 -5.80
C PHE B 43 -10.06 -20.23 -6.72
N ILE B 44 -9.21 -19.64 -7.54
CA ILE B 44 -8.43 -20.39 -8.50
C ILE B 44 -7.43 -21.34 -7.85
N ASP B 45 -6.92 -20.99 -6.67
CA ASP B 45 -5.98 -21.89 -6.00
C ASP B 45 -6.73 -23.15 -5.57
N GLN B 46 -7.99 -22.99 -5.15
CA GLN B 46 -8.77 -24.15 -4.73
C GLN B 46 -9.07 -25.01 -5.95
N VAL B 47 -9.32 -24.37 -7.09
CA VAL B 47 -9.59 -25.12 -8.30
C VAL B 47 -8.39 -25.98 -8.69
N THR B 48 -7.20 -25.40 -8.71
CA THR B 48 -6.02 -26.17 -9.10
C THR B 48 -5.65 -27.23 -8.07
N ARG B 49 -5.99 -27.00 -6.80
CA ARG B 49 -5.65 -27.99 -5.79
C ARG B 49 -6.55 -29.22 -5.92
N LEU B 50 -7.68 -29.07 -6.61
CA LEU B 50 -8.59 -30.19 -6.84
C LEU B 50 -8.18 -30.92 -8.13
N GLY B 51 -7.12 -30.44 -8.78
CA GLY B 51 -6.59 -31.08 -9.98
C GLY B 51 -7.15 -30.61 -11.31
N VAL B 52 -7.98 -29.58 -11.28
CA VAL B 52 -8.60 -29.07 -12.49
C VAL B 52 -7.73 -27.97 -13.11
N PRO B 53 -7.28 -28.18 -14.36
CA PRO B 53 -6.44 -27.19 -15.04
C PRO B 53 -7.14 -25.84 -15.08
N CYS B 54 -6.40 -24.79 -14.75
CA CYS B 54 -6.98 -23.44 -14.70
C CYS B 54 -5.94 -22.34 -14.90
N GLY B 55 -6.42 -21.10 -14.99
CA GLY B 55 -5.55 -19.96 -15.18
C GLY B 55 -6.18 -18.72 -14.58
N ILE B 56 -5.42 -17.64 -14.49
CA ILE B 56 -5.97 -16.41 -13.93
C ILE B 56 -5.42 -15.18 -14.64
N ILE B 57 -6.28 -14.19 -14.86
CA ILE B 57 -5.89 -12.95 -15.51
C ILE B 57 -5.89 -11.89 -14.43
N SER B 58 -4.72 -11.33 -14.13
CA SER B 58 -4.61 -10.32 -13.09
C SER B 58 -3.39 -9.43 -13.31
N CYS B 59 -3.17 -8.50 -12.39
CA CYS B 59 -2.04 -7.57 -12.46
C CYS B 59 -1.37 -7.42 -11.11
N VAL B 60 -0.04 -7.50 -11.08
CA VAL B 60 0.71 -7.31 -9.83
C VAL B 60 1.85 -6.36 -10.17
N GLY B 61 2.47 -5.79 -9.14
CA GLY B 61 3.58 -4.90 -9.36
C GLY B 61 4.87 -5.70 -9.50
N ASN B 62 5.97 -5.01 -9.81
CA ASN B 62 7.25 -5.66 -9.96
C ASN B 62 7.99 -5.67 -8.61
N ASP B 63 7.37 -6.30 -7.62
CA ASP B 63 7.95 -6.40 -6.28
C ASP B 63 7.75 -7.80 -5.71
N GLY B 64 8.38 -8.06 -4.56
CA GLY B 64 8.28 -9.36 -3.91
C GLY B 64 6.89 -9.79 -3.50
N PHE B 65 6.00 -8.83 -3.28
CA PHE B 65 4.63 -9.15 -2.91
C PHE B 65 3.93 -9.69 -4.14
N GLY B 66 4.34 -9.20 -5.29
CA GLY B 66 3.76 -9.67 -6.53
C GLY B 66 4.31 -11.08 -6.80
N ASP B 67 5.58 -11.27 -6.48
CA ASP B 67 6.24 -12.56 -6.68
C ASP B 67 5.70 -13.70 -5.82
N ILE B 68 5.40 -13.41 -4.56
CA ILE B 68 4.90 -14.47 -3.69
C ILE B 68 3.59 -15.05 -4.21
N ASN B 69 2.76 -14.21 -4.82
CA ASN B 69 1.49 -14.69 -5.37
C ASN B 69 1.75 -15.52 -6.63
N ILE B 70 2.60 -15.02 -7.51
CA ILE B 70 2.91 -15.74 -8.74
C ILE B 70 3.55 -17.09 -8.45
N HIS B 71 4.46 -17.12 -7.47
CA HIS B 71 5.14 -18.35 -7.09
C HIS B 71 4.19 -19.40 -6.52
N ARG B 72 3.33 -18.96 -5.60
CA ARG B 72 2.36 -19.85 -4.98
C ARG B 72 1.41 -20.45 -6.01
N LEU B 73 0.80 -19.59 -6.83
CA LEU B 73 -0.13 -20.05 -7.86
C LEU B 73 0.54 -20.97 -8.87
N ALA B 74 1.73 -20.61 -9.32
CA ALA B 74 2.43 -21.44 -10.29
C ALA B 74 2.78 -22.79 -9.69
N ALA B 75 3.29 -22.78 -8.46
CA ALA B 75 3.65 -24.00 -7.77
C ALA B 75 2.45 -24.91 -7.55
N ASP B 76 1.28 -24.32 -7.37
CA ASP B 76 0.08 -25.11 -7.16
C ASP B 76 -0.52 -25.64 -8.46
N GLY B 77 0.08 -25.25 -9.59
CA GLY B 77 -0.38 -25.74 -10.88
C GLY B 77 -1.21 -24.79 -11.72
N VAL B 78 -1.38 -23.55 -11.27
CA VAL B 78 -2.16 -22.57 -12.02
C VAL B 78 -1.40 -22.02 -13.21
N ASP B 79 -2.11 -21.76 -14.29
CA ASP B 79 -1.51 -21.17 -15.48
C ASP B 79 -1.44 -19.68 -15.15
N ILE B 80 -0.25 -19.15 -14.96
CA ILE B 80 -0.13 -17.73 -14.60
C ILE B 80 0.33 -16.79 -15.70
N ARG B 81 0.21 -17.23 -16.95
CA ARG B 81 0.62 -16.38 -18.08
C ARG B 81 -0.22 -15.13 -18.17
N GLY B 82 -1.44 -15.19 -17.64
CA GLY B 82 -2.32 -14.04 -17.68
C GLY B 82 -2.05 -13.04 -16.57
N ILE B 83 -1.00 -13.29 -15.80
CA ILE B 83 -0.65 -12.38 -14.72
C ILE B 83 0.40 -11.39 -15.21
N SER B 84 -0.02 -10.16 -15.48
CA SER B 84 0.89 -9.12 -15.96
C SER B 84 1.61 -8.44 -14.80
N VAL B 85 2.84 -8.01 -15.06
CA VAL B 85 3.64 -7.32 -14.04
C VAL B 85 3.73 -5.84 -14.43
N LEU B 86 3.27 -4.96 -13.55
CA LEU B 86 3.28 -3.53 -13.81
C LEU B 86 4.35 -2.81 -12.99
N PRO B 87 5.45 -2.42 -13.62
CA PRO B 87 6.58 -1.70 -12.99
C PRO B 87 6.20 -0.42 -12.24
N LEU B 88 5.32 0.37 -12.82
CA LEU B 88 4.91 1.63 -12.21
C LEU B 88 3.89 1.51 -11.08
N GLU B 89 3.43 0.29 -10.80
CA GLU B 89 2.43 0.10 -9.76
C GLU B 89 2.93 -0.75 -8.59
N ALA B 90 2.19 -0.70 -7.50
CA ALA B 90 2.52 -1.47 -6.31
C ALA B 90 1.50 -2.60 -6.19
N THR B 91 1.97 -3.81 -5.89
CA THR B 91 1.06 -4.95 -5.73
C THR B 91 0.09 -4.61 -4.60
N GLY B 92 -1.18 -4.88 -4.82
CA GLY B 92 -2.18 -4.61 -3.80
C GLY B 92 -1.84 -5.28 -2.50
N SER B 93 -2.43 -4.78 -1.41
CA SER B 93 -2.19 -5.34 -0.09
C SER B 93 -3.37 -5.11 0.83
N ALA B 94 -3.37 -5.82 1.94
CA ALA B 94 -4.42 -5.69 2.93
C ALA B 94 -3.89 -6.02 4.32
N PHE B 95 -4.03 -5.07 5.24
CA PHE B 95 -3.60 -5.26 6.62
C PHE B 95 -4.90 -5.59 7.37
N VAL B 96 -4.87 -6.60 8.22
CA VAL B 96 -6.07 -7.00 8.95
C VAL B 96 -5.78 -7.24 10.43
N THR B 97 -6.77 -7.02 11.27
CA THR B 97 -6.59 -7.26 12.70
C THR B 97 -7.87 -7.73 13.39
N TYR B 98 -7.72 -8.65 14.33
CA TYR B 98 -8.85 -9.22 15.06
C TYR B 98 -9.05 -8.52 16.41
N GLY B 102 -14.32 -10.26 16.95
CA GLY B 102 -15.34 -10.51 15.96
C GLY B 102 -14.97 -9.98 14.58
N ASP B 103 -15.10 -8.67 14.40
CA ASP B 103 -14.77 -8.04 13.12
C ASP B 103 -13.31 -8.31 12.77
N ARG B 104 -12.97 -8.22 11.48
CA ARG B 104 -11.60 -8.45 11.04
C ARG B 104 -10.82 -7.14 10.90
N ASP B 105 -11.52 -6.03 10.66
CA ASP B 105 -10.88 -4.71 10.48
C ASP B 105 -9.75 -4.72 9.46
N PHE B 106 -9.88 -3.89 8.43
CA PHE B 106 -8.89 -3.83 7.36
C PHE B 106 -8.40 -2.45 6.93
N ILE B 107 -7.24 -2.44 6.28
CA ILE B 107 -6.67 -1.25 5.67
C ILE B 107 -6.30 -1.76 4.30
N PHE B 108 -7.14 -1.46 3.32
CA PHE B 108 -6.94 -1.91 1.94
C PHE B 108 -6.23 -0.94 1.01
N ASN B 109 -5.47 -1.53 0.09
CA ASN B 109 -4.78 -0.79 -0.95
C ASN B 109 -4.96 -1.66 -2.19
N ILE B 110 -6.13 -1.57 -2.79
CA ILE B 110 -6.44 -2.35 -3.98
C ILE B 110 -6.85 -1.46 -5.14
N LYS B 111 -7.87 -0.64 -4.90
CA LYS B 111 -8.41 0.27 -5.89
C LYS B 111 -7.33 1.13 -6.55
N ASN B 112 -6.38 1.59 -5.75
CA ASN B 112 -5.30 2.43 -6.24
C ASN B 112 -3.97 1.73 -6.41
N ALA B 113 -3.98 0.41 -6.46
CA ALA B 113 -2.76 -0.36 -6.64
C ALA B 113 -2.77 -1.06 -7.99
N ALA B 114 -1.84 -2.00 -8.18
CA ALA B 114 -1.76 -2.74 -9.43
C ALA B 114 -3.12 -3.33 -9.80
N CYS B 115 -3.83 -3.85 -8.81
CA CYS B 115 -5.14 -4.46 -9.02
C CYS B 115 -6.04 -3.63 -9.93
N GLY B 116 -6.30 -2.40 -9.52
CA GLY B 116 -7.17 -1.53 -10.29
C GLY B 116 -6.62 -1.04 -11.62
N LYS B 117 -5.52 -1.66 -12.06
CA LYS B 117 -4.89 -1.30 -13.34
C LYS B 117 -5.25 -2.29 -14.44
N LEU B 118 -5.90 -3.38 -14.06
CA LEU B 118 -6.31 -4.40 -15.02
C LEU B 118 -7.18 -3.77 -16.10
N SER B 119 -6.73 -3.82 -17.34
CA SER B 119 -7.50 -3.23 -18.44
C SER B 119 -7.93 -4.29 -19.44
N ALA B 120 -9.02 -4.01 -20.15
CA ALA B 120 -9.54 -4.92 -21.15
C ALA B 120 -8.47 -5.38 -22.12
N GLN B 121 -7.39 -4.61 -22.24
CA GLN B 121 -6.33 -4.99 -23.14
C GLN B 121 -5.41 -6.01 -22.47
N HIS B 122 -5.26 -5.86 -21.16
CA HIS B 122 -4.43 -6.79 -20.39
C HIS B 122 -5.04 -8.19 -20.41
N VAL B 123 -6.18 -8.33 -21.07
CA VAL B 123 -6.86 -9.63 -21.16
C VAL B 123 -6.19 -10.46 -22.27
N ASP B 124 -6.79 -10.45 -23.45
CA ASP B 124 -6.32 -11.19 -24.63
C ASP B 124 -7.48 -12.04 -25.16
N GLU B 125 -7.16 -13.27 -25.57
CA GLU B 125 -8.13 -14.22 -26.07
C GLU B 125 -7.33 -15.44 -26.53
N ASN B 126 -6.04 -15.23 -26.74
CA ASN B 126 -5.13 -16.29 -27.13
C ASN B 126 -4.93 -17.07 -25.84
N ILE B 127 -5.21 -16.40 -24.72
CA ILE B 127 -5.08 -16.98 -23.40
C ILE B 127 -6.37 -17.68 -22.98
N LEU B 128 -7.50 -17.23 -23.51
CA LEU B 128 -8.79 -17.82 -23.18
C LEU B 128 -9.36 -18.73 -24.24
N LYS B 129 -8.54 -19.12 -25.21
CA LYS B 129 -8.99 -19.99 -26.29
C LYS B 129 -9.63 -21.30 -25.83
N ASP B 130 -9.02 -21.96 -24.85
CA ASP B 130 -9.57 -23.22 -24.36
C ASP B 130 -10.34 -23.06 -23.06
N CYS B 131 -10.78 -21.85 -22.77
CA CYS B 131 -11.54 -21.62 -21.55
C CYS B 131 -13.01 -21.93 -21.79
N THR B 132 -13.50 -22.95 -21.08
CA THR B 132 -14.89 -23.38 -21.19
C THR B 132 -15.71 -22.89 -20.00
N HIS B 133 -15.02 -22.44 -18.96
CA HIS B 133 -15.66 -21.94 -17.75
C HIS B 133 -14.92 -20.72 -17.25
N PHE B 134 -15.64 -19.61 -17.13
CA PHE B 134 -15.05 -18.37 -16.67
C PHE B 134 -15.79 -17.94 -15.42
N HIS B 135 -15.04 -17.69 -14.36
CA HIS B 135 -15.63 -17.29 -13.09
C HIS B 135 -15.35 -15.83 -12.74
N ILE B 136 -16.40 -15.13 -12.34
CA ILE B 136 -16.29 -13.72 -12.00
C ILE B 136 -16.59 -13.45 -10.52
N GLY B 138 -17.57 -10.60 -7.91
CA GLY B 138 -18.11 -9.26 -7.90
C GLY B 138 -17.18 -8.26 -7.22
N SER B 139 -16.34 -8.76 -6.33
CA SER B 139 -15.40 -7.91 -5.60
C SER B 139 -14.37 -7.25 -6.50
N SER B 140 -14.31 -7.68 -7.76
CA SER B 140 -13.36 -7.12 -8.70
C SER B 140 -13.89 -5.93 -9.47
N LEU B 141 -15.21 -5.79 -9.53
CA LEU B 141 -15.82 -4.70 -10.28
C LEU B 141 -15.91 -3.40 -9.48
N PHE B 142 -14.78 -2.73 -9.30
CA PHE B 142 -14.73 -1.48 -8.56
C PHE B 142 -14.30 -0.29 -9.40
N SER B 143 -14.30 -0.46 -10.72
CA SER B 143 -13.92 0.61 -11.65
C SER B 143 -14.38 0.24 -13.06
N PHE B 144 -14.55 1.24 -13.91
CA PHE B 144 -15.00 0.98 -15.28
C PHE B 144 -13.96 0.19 -16.06
N HIS B 145 -12.69 0.29 -15.66
CA HIS B 145 -11.62 -0.44 -16.32
C HIS B 145 -11.73 -1.93 -16.01
N VAL B 147 -14.64 -3.52 -15.10
CA VAL B 147 -15.83 -4.04 -15.75
C VAL B 147 -15.57 -4.27 -17.23
N ASP B 148 -14.75 -3.41 -17.83
CA ASP B 148 -14.40 -3.54 -19.24
C ASP B 148 -13.60 -4.80 -19.49
N ALA B 149 -12.58 -5.01 -18.67
CA ALA B 149 -11.73 -6.19 -18.79
C ALA B 149 -12.60 -7.44 -18.66
N VAL B 150 -13.50 -7.42 -17.69
CA VAL B 150 -14.40 -8.55 -17.46
C VAL B 150 -15.41 -8.73 -18.60
N LYS B 151 -15.97 -7.63 -19.09
CA LYS B 151 -16.93 -7.72 -20.20
C LYS B 151 -16.29 -8.34 -21.44
N LYS B 152 -15.06 -7.94 -21.75
CA LYS B 152 -14.34 -8.47 -22.90
C LYS B 152 -14.10 -9.97 -22.75
N ALA B 153 -13.55 -10.35 -21.60
CA ALA B 153 -13.27 -11.76 -21.32
C ALA B 153 -14.54 -12.58 -21.43
N VAL B 154 -15.64 -12.07 -20.88
CA VAL B 154 -16.90 -12.78 -20.93
C VAL B 154 -17.41 -12.98 -22.36
N THR B 155 -17.27 -11.96 -23.19
CA THR B 155 -17.71 -12.04 -24.58
C THR B 155 -16.90 -13.12 -25.29
N ILE B 156 -15.60 -13.12 -25.03
CA ILE B 156 -14.70 -14.09 -25.64
C ILE B 156 -15.09 -15.52 -25.27
N VAL B 157 -15.30 -15.76 -23.98
CA VAL B 157 -15.66 -17.08 -23.49
C VAL B 157 -17.02 -17.56 -23.99
N LYS B 158 -18.02 -16.68 -24.00
CA LYS B 158 -19.34 -17.08 -24.47
C LYS B 158 -19.30 -17.33 -25.98
N ALA B 159 -18.37 -16.68 -26.67
CA ALA B 159 -18.24 -16.86 -28.11
C ALA B 159 -17.80 -18.28 -28.44
N ASN B 160 -17.00 -18.90 -27.56
CA ASN B 160 -16.56 -20.27 -27.79
C ASN B 160 -17.49 -21.25 -27.11
N GLY B 161 -18.66 -20.77 -26.71
CA GLY B 161 -19.64 -21.63 -26.05
C GLY B 161 -19.31 -22.00 -24.62
N GLY B 162 -18.65 -21.09 -23.90
CA GLY B 162 -18.29 -21.35 -22.52
C GLY B 162 -19.37 -21.02 -21.50
N VAL B 163 -19.14 -21.40 -20.25
CA VAL B 163 -20.08 -21.15 -19.16
C VAL B 163 -19.55 -20.09 -18.21
N ILE B 164 -20.44 -19.21 -17.76
CA ILE B 164 -20.08 -18.13 -16.85
C ILE B 164 -20.63 -18.37 -15.43
N SER B 165 -19.77 -18.27 -14.43
CA SER B 165 -20.19 -18.43 -13.04
C SER B 165 -19.94 -17.07 -12.41
N PHE B 166 -20.79 -16.69 -11.46
CA PHE B 166 -20.67 -15.37 -10.86
C PHE B 166 -20.93 -15.39 -9.36
N ASP B 167 -19.99 -14.84 -8.61
CA ASP B 167 -20.08 -14.76 -7.15
C ASP B 167 -20.13 -13.28 -6.76
N PRO B 168 -21.31 -12.80 -6.34
CA PRO B 168 -21.54 -11.42 -5.94
C PRO B 168 -20.99 -11.01 -4.57
N ASN B 169 -19.71 -11.23 -4.34
CA ASN B 169 -19.10 -10.88 -3.06
C ASN B 169 -18.71 -9.40 -3.10
N ILE B 170 -19.69 -8.55 -3.39
CA ILE B 170 -19.48 -7.11 -3.50
C ILE B 170 -19.59 -6.35 -2.18
N ARG B 171 -19.09 -5.12 -2.19
CA ARG B 171 -19.19 -4.24 -1.05
C ARG B 171 -20.51 -3.53 -1.32
N LYS B 172 -21.48 -3.72 -0.44
CA LYS B 172 -22.80 -3.12 -0.60
C LYS B 172 -22.75 -1.71 -1.15
N GLU B 173 -21.69 -0.97 -0.81
CA GLU B 173 -21.51 0.40 -1.27
C GLU B 173 -21.58 0.58 -2.78
N LEU B 175 -23.42 -0.70 -4.80
CA LEU B 175 -24.81 -0.67 -5.24
C LEU B 175 -25.40 0.75 -5.34
N ASP B 176 -24.72 1.73 -4.77
CA ASP B 176 -25.21 3.10 -4.82
C ASP B 176 -24.54 3.91 -5.91
N ILE B 177 -23.65 3.26 -6.66
CA ILE B 177 -22.95 3.89 -7.77
C ILE B 177 -23.54 3.25 -9.02
N PRO B 178 -24.61 3.84 -9.58
CA PRO B 178 -25.30 3.32 -10.77
C PRO B 178 -24.44 2.64 -11.82
N GLU B 179 -23.24 3.16 -12.07
CA GLU B 179 -22.35 2.56 -13.07
C GLU B 179 -21.98 1.13 -12.68
N ARG B 181 -23.43 -0.51 -10.30
CA ARG B 181 -24.70 -1.18 -10.05
C ARG B 181 -25.14 -1.87 -11.34
N ASP B 182 -24.91 -1.20 -12.47
CA ASP B 182 -25.28 -1.74 -13.77
C ASP B 182 -24.32 -2.84 -14.24
N ALA B 183 -23.04 -2.64 -14.01
CA ALA B 183 -22.03 -3.63 -14.40
C ALA B 183 -22.39 -4.99 -13.81
N LEU B 184 -22.75 -4.99 -12.53
CA LEU B 184 -23.13 -6.20 -11.82
C LEU B 184 -24.39 -6.83 -12.41
N HIS B 185 -25.40 -5.99 -12.70
CA HIS B 185 -26.63 -6.49 -13.29
C HIS B 185 -26.34 -7.00 -14.69
N PHE B 186 -25.37 -6.36 -15.35
CA PHE B 186 -24.97 -6.75 -16.69
C PHE B 186 -24.43 -8.17 -16.65
N VAL B 187 -23.47 -8.41 -15.75
CA VAL B 187 -22.86 -9.72 -15.61
C VAL B 187 -23.89 -10.78 -15.24
N LEU B 188 -24.82 -10.43 -14.38
CA LEU B 188 -25.86 -11.37 -13.95
C LEU B 188 -26.69 -11.91 -15.12
N GLU B 189 -26.97 -11.05 -16.09
CA GLU B 189 -27.77 -11.44 -17.25
C GLU B 189 -27.03 -12.42 -18.16
N LEU B 190 -25.71 -12.51 -18.00
CA LEU B 190 -24.90 -13.40 -18.81
C LEU B 190 -24.38 -14.57 -17.98
N THR B 191 -24.87 -14.66 -16.75
CA THR B 191 -24.45 -15.71 -15.82
C THR B 191 -25.26 -17.00 -15.95
N ASP B 192 -24.57 -18.13 -15.86
CA ASP B 192 -25.21 -19.43 -15.94
C ASP B 192 -25.30 -20.03 -14.55
N ILE B 193 -24.27 -19.75 -13.74
CA ILE B 193 -24.18 -20.25 -12.37
C ILE B 193 -23.99 -19.07 -11.42
N TYR B 194 -25.01 -18.81 -10.61
CA TYR B 194 -24.98 -17.71 -9.65
C TYR B 194 -24.71 -18.26 -8.25
N PRO B 196 -24.47 -16.53 -4.84
CA PRO B 196 -24.51 -15.49 -3.82
C PRO B 196 -24.53 -16.08 -2.42
N SER B 197 -24.07 -15.29 -1.44
CA SER B 197 -24.11 -15.76 -0.07
C SER B 197 -25.51 -15.37 0.41
N GLU B 198 -25.94 -15.97 1.51
CA GLU B 198 -27.26 -15.69 2.07
C GLU B 198 -27.56 -14.20 2.12
N GLY B 199 -26.59 -13.42 2.58
CA GLY B 199 -26.78 -11.98 2.71
C GLY B 199 -26.61 -11.17 1.43
N GLU B 200 -26.37 -11.85 0.31
CA GLU B 200 -26.19 -11.17 -0.97
C GLU B 200 -27.26 -11.56 -1.98
N VAL B 201 -28.13 -12.49 -1.60
CA VAL B 201 -29.19 -12.97 -2.49
C VAL B 201 -30.13 -11.90 -3.05
N LEU B 202 -30.53 -10.96 -2.21
CA LEU B 202 -31.46 -9.92 -2.65
C LEU B 202 -30.79 -8.70 -3.29
N LEU B 203 -29.48 -8.56 -3.10
CA LEU B 203 -28.76 -7.41 -3.65
C LEU B 203 -29.08 -7.06 -5.09
N LEU B 204 -28.82 -7.98 -6.01
CA LEU B 204 -29.08 -7.75 -7.43
C LEU B 204 -30.47 -8.16 -7.86
N SER B 205 -31.37 -8.32 -6.89
CA SER B 205 -32.73 -8.73 -7.18
C SER B 205 -33.73 -7.61 -6.89
N PRO B 206 -34.84 -7.56 -7.65
CA PRO B 206 -35.88 -6.55 -7.48
C PRO B 206 -36.85 -6.97 -6.38
N HIS B 207 -36.84 -8.26 -6.08
CA HIS B 207 -37.72 -8.81 -5.06
C HIS B 207 -37.13 -8.64 -3.66
N SER B 208 -37.94 -8.90 -2.64
CA SER B 208 -37.51 -8.74 -1.26
C SER B 208 -37.48 -10.02 -0.45
N THR B 209 -37.80 -11.14 -1.09
CA THR B 209 -37.78 -12.43 -0.42
C THR B 209 -36.86 -13.37 -1.21
N PRO B 210 -36.03 -14.16 -0.51
CA PRO B 210 -35.13 -15.07 -1.22
C PRO B 210 -35.83 -15.97 -2.23
N GLU B 211 -36.92 -16.60 -1.81
CA GLU B 211 -37.66 -17.49 -2.70
C GLU B 211 -37.92 -16.79 -4.03
N ARG B 212 -38.51 -15.60 -3.95
CA ARG B 212 -38.82 -14.82 -5.15
C ARG B 212 -37.57 -14.43 -5.92
N ALA B 213 -36.59 -13.90 -5.22
CA ALA B 213 -35.33 -13.48 -5.83
C ALA B 213 -34.72 -14.59 -6.67
N ILE B 214 -34.58 -15.76 -6.07
CA ILE B 214 -34.00 -16.93 -6.72
C ILE B 214 -34.86 -17.40 -7.90
N ALA B 215 -36.18 -17.39 -7.72
CA ALA B 215 -37.07 -17.82 -8.79
C ALA B 215 -36.94 -16.86 -9.95
N GLY B 216 -36.52 -15.63 -9.64
CA GLY B 216 -36.35 -14.62 -10.67
C GLY B 216 -35.08 -14.83 -11.48
N PHE B 217 -34.00 -15.18 -10.80
CA PHE B 217 -32.71 -15.42 -11.46
C PHE B 217 -32.86 -16.56 -12.47
N LEU B 218 -33.55 -17.60 -12.04
CA LEU B 218 -33.77 -18.76 -12.90
C LEU B 218 -34.66 -18.40 -14.09
N GLU B 219 -35.68 -17.59 -13.86
CA GLU B 219 -36.57 -17.19 -14.95
C GLU B 219 -35.77 -16.37 -15.96
N GLU B 220 -34.90 -15.50 -15.46
CA GLU B 220 -34.10 -14.64 -16.31
C GLU B 220 -33.11 -15.42 -17.18
N GLY B 221 -32.66 -16.58 -16.72
CA GLY B 221 -31.73 -17.35 -17.53
C GLY B 221 -30.69 -18.12 -16.74
N VAL B 222 -30.48 -17.75 -15.49
CA VAL B 222 -29.51 -18.44 -14.66
C VAL B 222 -29.98 -19.88 -14.50
N LYS B 223 -29.09 -20.82 -14.78
CA LYS B 223 -29.45 -22.22 -14.70
C LYS B 223 -29.33 -22.80 -13.30
N GLU B 224 -28.32 -22.33 -12.55
CA GLU B 224 -28.09 -22.80 -11.20
C GLU B 224 -27.77 -21.68 -10.25
N VAL B 225 -28.37 -21.74 -9.07
CA VAL B 225 -28.15 -20.75 -8.02
C VAL B 225 -27.71 -21.52 -6.79
N ILE B 226 -26.46 -21.32 -6.39
CA ILE B 226 -25.93 -21.99 -5.21
C ILE B 226 -25.82 -20.96 -4.09
N VAL B 227 -26.65 -21.11 -3.06
CA VAL B 227 -26.63 -20.17 -1.95
C VAL B 227 -25.82 -20.67 -0.76
N LYS B 228 -24.81 -19.88 -0.39
CA LYS B 228 -23.95 -20.18 0.74
C LYS B 228 -24.58 -19.58 1.99
N ARG B 229 -24.69 -20.38 3.05
CA ARG B 229 -25.32 -19.91 4.28
C ARG B 229 -24.42 -19.92 5.50
N GLY B 230 -23.16 -19.54 5.32
CA GLY B 230 -22.23 -19.51 6.43
C GLY B 230 -22.19 -20.79 7.25
N ASN B 231 -22.47 -20.68 8.55
CA ASN B 231 -22.44 -21.86 9.40
C ASN B 231 -23.77 -22.60 9.48
N GLN B 232 -24.56 -22.53 8.40
CA GLN B 232 -25.84 -23.24 8.38
C GLN B 232 -25.95 -24.06 7.10
N GLY B 233 -24.81 -24.25 6.44
CA GLY B 233 -24.78 -25.05 5.22
C GLY B 233 -24.93 -24.24 3.95
N ALA B 234 -25.55 -24.86 2.94
CA ALA B 234 -25.76 -24.21 1.65
C ALA B 234 -26.92 -24.86 0.94
N SER B 235 -27.50 -24.13 -0.01
CA SER B 235 -28.64 -24.64 -0.77
C SER B 235 -28.38 -24.57 -2.28
N TYR B 236 -28.99 -25.50 -3.01
CA TYR B 236 -28.87 -25.57 -4.46
C TYR B 236 -30.26 -25.35 -5.05
N TYR B 237 -30.33 -24.57 -6.12
CA TYR B 237 -31.61 -24.29 -6.77
C TYR B 237 -31.50 -24.32 -8.29
N SER B 238 -32.38 -25.09 -8.92
CA SER B 238 -32.44 -25.18 -10.38
C SER B 238 -33.92 -25.25 -10.73
N ALA B 239 -34.26 -25.05 -12.01
CA ALA B 239 -35.65 -25.09 -12.42
C ALA B 239 -36.25 -26.47 -12.13
N ASN B 240 -35.41 -27.49 -12.15
CA ASN B 240 -35.87 -28.85 -11.94
C ASN B 240 -35.80 -29.38 -10.51
N GLU B 241 -34.80 -28.94 -9.75
CA GLU B 241 -34.68 -29.41 -8.38
C GLU B 241 -34.32 -28.33 -7.37
N GLN B 242 -34.35 -28.72 -6.10
CA GLN B 242 -34.06 -27.81 -5.00
C GLN B 242 -33.69 -28.63 -3.78
N PHE B 243 -32.54 -28.35 -3.17
CA PHE B 243 -32.14 -29.08 -1.97
C PHE B 243 -31.07 -28.31 -1.19
N HIS B 244 -30.86 -28.73 0.05
CA HIS B 244 -29.92 -28.06 0.93
C HIS B 244 -29.14 -29.05 1.80
N VAL B 245 -27.98 -28.62 2.28
CA VAL B 245 -27.14 -29.45 3.14
C VAL B 245 -26.79 -28.69 4.41
N GLU B 246 -26.64 -29.41 5.51
CA GLU B 246 -26.31 -28.79 6.80
C GLU B 246 -24.82 -28.52 6.86
N SER B 247 -24.43 -27.59 7.72
CA SER B 247 -23.03 -27.25 7.88
C SER B 247 -22.34 -28.28 8.76
N TYR B 248 -21.04 -28.43 8.56
CA TYR B 248 -20.26 -29.36 9.37
C TYR B 248 -19.76 -28.54 10.54
N PRO B 249 -19.83 -29.09 11.76
CA PRO B 249 -19.37 -28.33 12.93
C PRO B 249 -17.85 -28.29 12.99
N VAL B 250 -17.28 -27.10 13.08
CA VAL B 250 -15.82 -26.94 13.15
C VAL B 250 -15.40 -25.73 13.97
N GLU B 251 -14.16 -25.75 14.45
CA GLU B 251 -13.63 -24.63 15.23
C GLU B 251 -13.13 -23.55 14.27
N GLU B 252 -14.02 -22.60 13.96
CA GLU B 252 -13.69 -21.50 13.05
C GLU B 252 -12.56 -20.62 13.56
N VAL B 253 -11.63 -20.30 12.66
CA VAL B 253 -10.48 -19.47 13.00
C VAL B 253 -10.33 -18.27 12.06
N ASP B 254 -10.69 -18.45 10.79
CA ASP B 254 -10.60 -17.39 9.80
C ASP B 254 -11.66 -17.62 8.73
N PRO B 255 -12.65 -16.73 8.62
CA PRO B 255 -13.72 -16.87 7.63
C PRO B 255 -13.39 -16.31 6.24
N THR B 256 -12.31 -15.53 6.16
CA THR B 256 -11.90 -14.89 4.91
C THR B 256 -12.02 -15.64 3.58
N GLY B 257 -11.48 -16.85 3.50
CA GLY B 257 -11.54 -17.58 2.24
C GLY B 257 -12.63 -18.62 2.07
N ALA B 258 -13.52 -18.73 3.04
CA ALA B 258 -14.60 -19.71 2.99
C ALA B 258 -15.38 -19.71 1.67
N GLY B 259 -15.95 -18.57 1.32
CA GLY B 259 -16.72 -18.44 0.10
C GLY B 259 -15.93 -18.71 -1.16
N ASP B 260 -14.69 -18.25 -1.20
CA ASP B 260 -13.84 -18.47 -2.37
C ASP B 260 -13.53 -19.96 -2.53
N CYS B 261 -13.25 -20.64 -1.43
CA CYS B 261 -12.95 -22.06 -1.47
C CYS B 261 -14.19 -22.84 -1.83
N PHE B 262 -15.32 -22.47 -1.21
CA PHE B 262 -16.58 -23.11 -1.51
C PHE B 262 -16.79 -23.02 -3.02
N GLY B 263 -16.54 -21.83 -3.58
CA GLY B 263 -16.72 -21.60 -5.00
C GLY B 263 -15.82 -22.42 -5.89
N GLY B 264 -14.53 -22.44 -5.58
CA GLY B 264 -13.60 -23.22 -6.38
C GLY B 264 -13.97 -24.69 -6.33
N ALA B 265 -14.29 -25.17 -5.14
CA ALA B 265 -14.69 -26.56 -4.95
C ALA B 265 -15.90 -26.92 -5.81
N TRP B 266 -16.91 -26.07 -5.81
CA TRP B 266 -18.12 -26.34 -6.60
C TRP B 266 -17.78 -26.46 -8.08
N ILE B 267 -17.15 -25.42 -8.62
CA ILE B 267 -16.80 -25.38 -10.02
C ILE B 267 -15.87 -26.52 -10.43
N ALA B 268 -14.88 -26.82 -9.60
CA ALA B 268 -13.95 -27.90 -9.93
C ALA B 268 -14.62 -29.26 -9.85
N CYS B 269 -15.42 -29.47 -8.80
CA CYS B 269 -16.10 -30.76 -8.65
C CYS B 269 -17.06 -31.01 -9.78
N ARG B 270 -17.73 -29.96 -10.24
CA ARG B 270 -18.64 -30.08 -11.35
C ARG B 270 -17.85 -30.44 -12.61
N GLN B 271 -16.66 -29.87 -12.76
CA GLN B 271 -15.81 -30.17 -13.92
C GLN B 271 -15.37 -31.63 -13.88
N LEU B 272 -15.30 -32.21 -12.68
CA LEU B 272 -14.89 -33.61 -12.55
C LEU B 272 -16.11 -34.53 -12.67
N GLY B 273 -17.24 -33.96 -13.08
CA GLY B 273 -18.44 -34.75 -13.27
C GLY B 273 -19.33 -35.09 -12.07
N PHE B 274 -19.11 -34.45 -10.93
CA PHE B 274 -19.94 -34.71 -9.76
C PHE B 274 -21.35 -34.18 -10.04
N ASP B 275 -22.38 -34.85 -9.52
CA ASP B 275 -23.74 -34.35 -9.71
C ASP B 275 -23.95 -33.20 -8.75
N ALA B 276 -25.07 -32.50 -8.87
CA ALA B 276 -25.34 -31.37 -7.99
C ALA B 276 -25.26 -31.71 -6.51
N HIS B 277 -25.76 -32.89 -6.14
CA HIS B 277 -25.75 -33.34 -4.75
C HIS B 277 -24.36 -33.59 -4.19
N ARG B 278 -23.50 -34.23 -4.98
CA ARG B 278 -22.14 -34.50 -4.54
C ARG B 278 -21.34 -33.20 -4.45
N ALA B 279 -21.42 -32.39 -5.51
CA ALA B 279 -20.72 -31.13 -5.59
C ALA B 279 -21.07 -30.19 -4.43
N LEU B 280 -22.34 -30.16 -4.04
CA LEU B 280 -22.76 -29.29 -2.96
C LEU B 280 -22.18 -29.74 -1.62
N GLN B 281 -22.16 -31.05 -1.37
CA GLN B 281 -21.61 -31.53 -0.11
C GLN B 281 -20.11 -31.29 -0.07
N TYR B 282 -19.43 -31.46 -1.21
CA TYR B 282 -17.98 -31.25 -1.28
C TYR B 282 -17.63 -29.77 -1.12
N ALA B 283 -18.39 -28.90 -1.78
CA ALA B 283 -18.15 -27.46 -1.67
C ALA B 283 -18.37 -27.08 -0.20
N ASN B 284 -19.48 -27.54 0.35
CA ASN B 284 -19.84 -27.26 1.75
C ASN B 284 -18.71 -27.69 2.69
N ALA B 285 -18.22 -28.90 2.48
CA ALA B 285 -17.13 -29.42 3.30
C ALA B 285 -15.86 -28.61 3.08
N CYS B 286 -15.61 -28.21 1.84
CA CYS B 286 -14.42 -27.42 1.53
C CYS B 286 -14.45 -26.12 2.32
N GLY B 287 -15.56 -25.40 2.24
CA GLY B 287 -15.67 -24.16 2.97
C GLY B 287 -15.51 -24.39 4.47
N ALA B 288 -15.97 -25.53 4.95
CA ALA B 288 -15.88 -25.85 6.38
C ALA B 288 -14.42 -26.03 6.76
N LEU B 289 -13.68 -26.77 5.95
CA LEU B 289 -12.27 -27.00 6.20
C LEU B 289 -11.50 -25.70 6.13
N ALA B 290 -11.85 -24.88 5.14
CA ALA B 290 -11.19 -23.59 4.93
C ALA B 290 -11.11 -22.70 6.17
N VAL B 291 -12.23 -22.53 6.86
CA VAL B 291 -12.26 -21.67 8.03
C VAL B 291 -11.49 -22.18 9.25
N THR B 292 -10.98 -23.40 9.18
CA THR B 292 -10.25 -23.96 10.34
C THR B 292 -8.79 -23.52 10.41
N ARG B 293 -8.28 -22.87 9.37
CA ARG B 293 -6.90 -22.42 9.35
C ARG B 293 -6.80 -20.92 9.07
N ARG B 294 -5.78 -20.28 9.65
CA ARG B 294 -5.58 -18.85 9.50
C ARG B 294 -4.81 -18.51 8.23
N GLY B 295 -5.26 -17.47 7.54
CA GLY B 295 -4.64 -17.06 6.30
C GLY B 295 -5.65 -17.27 5.20
N PRO B 296 -5.91 -16.24 4.38
CA PRO B 296 -6.87 -16.25 3.28
C PRO B 296 -6.82 -17.46 2.35
N GLU B 298 -4.68 -20.19 2.96
CA GLU B 298 -4.02 -21.30 3.64
C GLU B 298 -4.94 -22.46 4.02
N GLY B 299 -6.23 -22.31 3.74
CA GLY B 299 -7.17 -23.36 4.09
C GLY B 299 -7.71 -24.19 2.95
N THR B 300 -7.14 -24.04 1.75
CA THR B 300 -7.63 -24.82 0.60
C THR B 300 -7.36 -26.29 0.84
N SER B 301 -8.17 -27.16 0.23
CA SER B 301 -8.03 -28.60 0.42
C SER B 301 -7.93 -29.41 -0.87
N ARG B 302 -7.30 -30.59 -0.75
CA ARG B 302 -7.18 -31.51 -1.86
C ARG B 302 -8.47 -32.32 -1.85
N LEU B 303 -8.83 -32.90 -2.99
CA LEU B 303 -10.05 -33.65 -3.10
C LEU B 303 -10.26 -34.71 -2.02
N GLU B 305 -8.91 -34.86 0.87
CA GLU B 305 -8.93 -34.32 2.23
C GLU B 305 -10.39 -34.03 2.52
N ILE B 306 -11.11 -33.54 1.52
CA ILE B 306 -12.54 -33.23 1.68
C ILE B 306 -13.28 -34.56 1.90
N GLU B 307 -12.95 -35.54 1.08
CA GLU B 307 -13.55 -36.86 1.13
C GLU B 307 -13.46 -37.47 2.54
N THR B 308 -12.26 -37.47 3.09
CA THR B 308 -12.04 -38.01 4.42
C THR B 308 -12.77 -37.17 5.47
N PHE B 309 -12.75 -35.86 5.31
CA PHE B 309 -13.43 -34.95 6.23
C PHE B 309 -14.89 -35.39 6.32
N ILE B 310 -15.52 -35.54 5.16
CA ILE B 310 -16.91 -35.95 5.07
C ILE B 310 -17.09 -37.34 5.69
N GLN B 311 -16.26 -38.28 5.26
CA GLN B 311 -16.33 -39.65 5.78
C GLN B 311 -16.34 -39.63 7.28
N ARG B 312 -15.14 -39.52 7.84
CA ARG B 312 -14.92 -39.50 9.29
C ARG B 312 -16.15 -39.07 10.06
N HIS B 313 -16.76 -37.98 9.61
CA HIS B 313 -17.94 -37.43 10.27
C HIS B 313 -19.30 -38.00 9.87
#